data_3UAS
#
_entry.id   3UAS
#
_cell.length_a   90.155
_cell.length_b   90.155
_cell.length_c   148.623
_cell.angle_alpha   90.00
_cell.angle_beta   90.00
_cell.angle_gamma   120.00
#
_symmetry.space_group_name_H-M   'P 31 2 1'
#
loop_
_entity.id
_entity.type
_entity.pdbx_description
1 polymer 'Cytochrome P450 2B4'
2 non-polymer 'PROTOPORPHYRIN IX CONTAINING FE'
3 non-polymer phenanthren-9-ylacetaldehyde
4 non-polymer TRIS(HYDROXYETHYL)AMINOMETHANE
5 non-polymer 5-CYCLOHEXYL-1-PENTYL-BETA-D-MALTOSIDE
6 water water
#
_entity_poly.entity_id   1
_entity_poly.type   'polypeptide(L)'
_entity_poly.pdbx_seq_one_letter_code
;MAKKTSSKGKLPPGPSPLPVLGNLLQMDRKGLLRSFLRLREKYGDVFTVYLGSRPVVVLCGTDAIREALVDQAEAFSGRG
KIAVVDPIFQGYGVIFANGERWRALRRFSLATMRDFGMGKRSVEERIQEEARCLVEELRKSKGALLDNTLLFHSITSNII
CSIVFGKRFDYKDPVFLRLLDLFFQSFSLISSFSSQVFELFSGFLKYFPGTHRQIYRNLQEINTFIGQSVEKHRATLDPS
NPRDFIDVYLLRMEKDKSDPSSEFHHQNLILTVLSLFFAGTETTSTTLRYGFLLMLKYPHVTERVQKEIEQVIGSHRPPA
LDDRAKMPYTDAVIHEIQRLGDLIPFGVPHTVTKDTQFRGYVIPKNTEVFPVLSSALHDPRYFETPNTFNPGHFLDANGA
LKRNEGFMPFSLGKRICLGEGIARTELFLFFTTILQNFSIASPVPPEDIDLTPRESGVGNVPPSYQIRFLARHHHH
;
_entity_poly.pdbx_strand_id   A
#
loop_
_chem_comp.id
_chem_comp.type
_chem_comp.name
_chem_comp.formula
0BV non-polymer phenanthren-9-ylacetaldehyde 'C16 H12 O'
CM5 non-polymer 5-CYCLOHEXYL-1-PENTYL-BETA-D-MALTOSIDE 'C23 H42 O11'
HEM non-polymer 'PROTOPORPHYRIN IX CONTAINING FE' 'C34 H32 Fe N4 O4'
TAM non-polymer TRIS(HYDROXYETHYL)AMINOMETHANE 'C7 H17 N O3'
#
# COMPACT_ATOMS: atom_id res chain seq x y z
N GLY A 9 -30.61 -15.58 7.01
CA GLY A 9 -30.84 -14.68 5.83
C GLY A 9 -30.76 -13.20 6.19
N LYS A 10 -31.35 -12.37 5.34
CA LYS A 10 -31.34 -10.90 5.48
C LYS A 10 -29.92 -10.29 5.53
N LEU A 11 -29.44 -9.91 4.35
CA LEU A 11 -28.19 -9.17 4.20
C LEU A 11 -28.42 -7.72 4.61
N PRO A 12 -27.33 -6.95 4.81
CA PRO A 12 -27.48 -5.50 5.00
C PRO A 12 -28.35 -4.90 3.89
N PRO A 13 -29.04 -3.77 4.19
CA PRO A 13 -29.97 -3.21 3.19
C PRO A 13 -29.23 -2.75 1.94
N GLY A 14 -29.95 -2.63 0.83
CA GLY A 14 -29.34 -2.23 -0.42
C GLY A 14 -30.35 -2.10 -1.54
N PRO A 15 -29.90 -1.60 -2.70
CA PRO A 15 -30.81 -1.39 -3.82
C PRO A 15 -31.11 -2.70 -4.55
N SER A 16 -32.30 -2.79 -5.14
CA SER A 16 -32.74 -4.01 -5.82
C SER A 16 -31.88 -4.33 -7.03
N PRO A 17 -31.18 -5.49 -6.99
CA PRO A 17 -30.26 -5.86 -8.06
C PRO A 17 -30.98 -6.44 -9.27
N LEU A 18 -30.31 -6.40 -10.41
CA LEU A 18 -30.79 -7.10 -11.59
C LEU A 18 -30.04 -8.42 -11.71
N PRO A 19 -30.65 -9.43 -12.37
CA PRO A 19 -30.05 -10.77 -12.45
C PRO A 19 -28.58 -10.80 -12.91
N VAL A 20 -28.24 -10.00 -13.92
CA VAL A 20 -26.88 -10.04 -14.47
C VAL A 20 -26.09 -8.76 -14.16
N LEU A 21 -26.74 -7.61 -14.37
CA LEU A 21 -26.09 -6.31 -14.24
C LEU A 21 -25.89 -5.87 -12.78
N GLY A 22 -26.49 -6.61 -11.85
CA GLY A 22 -26.44 -6.27 -10.44
C GLY A 22 -27.00 -4.88 -10.20
N ASN A 23 -26.21 -4.04 -9.54
CA ASN A 23 -26.63 -2.68 -9.22
C ASN A 23 -26.04 -1.63 -10.15
N LEU A 24 -25.60 -2.06 -11.33
CA LEU A 24 -24.94 -1.18 -12.32
C LEU A 24 -25.64 0.17 -12.47
N LEU A 25 -26.96 0.17 -12.46
CA LEU A 25 -27.75 1.38 -12.67
C LEU A 25 -27.71 2.32 -11.47
N GLN A 26 -27.45 1.77 -10.29
CA GLN A 26 -27.35 2.56 -9.06
C GLN A 26 -25.95 3.13 -8.85
N MET A 27 -25.02 2.76 -9.71
CA MET A 27 -23.63 3.20 -9.59
C MET A 27 -23.41 4.64 -10.08
N ASP A 28 -22.25 5.19 -9.72
CA ASP A 28 -21.82 6.50 -10.19
C ASP A 28 -20.76 6.30 -11.28
N ARG A 29 -20.72 7.21 -12.25
CA ARG A 29 -19.76 7.13 -13.35
C ARG A 29 -18.32 7.49 -12.92
N LYS A 30 -18.19 8.16 -11.78
CA LYS A 30 -16.87 8.62 -11.30
C LYS A 30 -15.97 7.51 -10.74
N GLY A 31 -16.56 6.35 -10.38
CA GLY A 31 -15.77 5.22 -9.90
C GLY A 31 -16.48 4.34 -8.89
N LEU A 32 -15.77 3.33 -8.39
CA LEU A 32 -16.33 2.43 -7.36
C LEU A 32 -16.45 3.13 -6.02
N LEU A 33 -15.40 3.84 -5.61
CA LEU A 33 -15.42 4.59 -4.37
C LEU A 33 -16.60 5.56 -4.34
N ARG A 34 -16.74 6.35 -5.39
CA ARG A 34 -17.80 7.36 -5.48
C ARG A 34 -19.19 6.72 -5.49
N SER A 35 -19.27 5.49 -5.96
CA SER A 35 -20.51 4.72 -5.90
C SER A 35 -20.77 4.24 -4.47
N PHE A 36 -19.74 3.67 -3.84
CA PHE A 36 -19.79 3.21 -2.45
C PHE A 36 -20.23 4.32 -1.50
N LEU A 37 -19.63 5.50 -1.66
CA LEU A 37 -19.93 6.66 -0.81
C LEU A 37 -21.31 7.26 -1.07
N ARG A 38 -21.80 7.13 -2.31
CA ARG A 38 -23.13 7.66 -2.67
C ARG A 38 -24.26 6.80 -2.13
N LEU A 39 -23.99 5.50 -1.99
CA LEU A 39 -24.96 4.56 -1.44
C LEU A 39 -25.05 4.63 0.08
N ARG A 40 -23.97 5.10 0.71
CA ARG A 40 -23.93 5.31 2.16
C ARG A 40 -24.92 6.39 2.57
N GLU A 41 -25.04 7.42 1.73
CA GLU A 41 -25.95 8.54 1.94
C GLU A 41 -27.40 8.07 2.05
N LYS A 42 -27.73 7.01 1.34
CA LYS A 42 -29.09 6.47 1.32
C LYS A 42 -29.29 5.27 2.25
N TYR A 43 -28.31 4.36 2.27
CA TYR A 43 -28.46 3.07 2.96
C TYR A 43 -27.70 2.93 4.28
N GLY A 44 -26.84 3.90 4.60
CA GLY A 44 -26.13 3.90 5.88
C GLY A 44 -24.76 3.25 5.83
N ASP A 45 -24.18 3.04 7.02
CA ASP A 45 -22.78 2.63 7.16
C ASP A 45 -22.47 1.18 6.77
N VAL A 46 -23.50 0.32 6.76
CA VAL A 46 -23.34 -1.08 6.36
C VAL A 46 -24.44 -1.49 5.40
N PHE A 47 -24.06 -1.79 4.17
CA PHE A 47 -25.03 -2.12 3.13
C PHE A 47 -24.53 -3.20 2.18
N THR A 48 -25.44 -3.73 1.38
CA THR A 48 -25.10 -4.71 0.36
C THR A 48 -25.26 -4.09 -1.03
N VAL A 49 -24.23 -4.22 -1.84
CA VAL A 49 -24.32 -3.84 -3.25
C VAL A 49 -23.88 -5.02 -4.10
N TYR A 50 -24.57 -5.21 -5.21
CA TYR A 50 -24.28 -6.31 -6.11
C TYR A 50 -23.43 -5.83 -7.27
N LEU A 51 -22.14 -6.15 -7.21
CA LEU A 51 -21.23 -5.90 -8.31
C LEU A 51 -21.38 -7.07 -9.27
N GLY A 52 -22.25 -6.89 -10.26
CA GLY A 52 -22.59 -7.97 -11.17
C GLY A 52 -23.54 -8.96 -10.50
N SER A 53 -23.25 -10.24 -10.66
CA SER A 53 -24.09 -11.29 -10.11
C SER A 53 -23.70 -11.69 -8.69
N ARG A 54 -22.67 -11.04 -8.14
CA ARG A 54 -22.19 -11.36 -6.79
C ARG A 54 -22.42 -10.22 -5.79
N PRO A 55 -22.81 -10.57 -4.55
CA PRO A 55 -23.03 -9.57 -3.50
C PRO A 55 -21.79 -9.26 -2.70
N VAL A 56 -21.60 -7.98 -2.39
CA VAL A 56 -20.53 -7.54 -1.52
C VAL A 56 -21.11 -6.69 -0.38
N VAL A 57 -20.54 -6.79 0.80
CA VAL A 57 -20.96 -5.97 1.93
C VAL A 57 -19.94 -4.85 2.16
N VAL A 58 -20.41 -3.62 2.07
CA VAL A 58 -19.55 -2.45 2.15
C VAL A 58 -19.64 -1.85 3.56
N LEU A 59 -18.47 -1.52 4.12
CA LEU A 59 -18.39 -1.00 5.48
C LEU A 59 -17.84 0.42 5.51
N CYS A 60 -18.67 1.34 6.00
CA CYS A 60 -18.33 2.76 6.04
C CYS A 60 -18.24 3.27 7.47
N GLY A 61 -17.34 4.23 7.69
CA GLY A 61 -17.17 4.84 9.02
C GLY A 61 -16.30 4.01 9.94
N THR A 62 -15.49 4.70 10.74
CA THR A 62 -14.53 4.08 11.65
C THR A 62 -15.16 2.97 12.51
N ASP A 63 -16.26 3.31 13.17
CA ASP A 63 -16.89 2.43 14.14
C ASP A 63 -17.28 1.07 13.56
N ALA A 64 -17.82 1.07 12.35
CA ALA A 64 -18.26 -0.16 11.68
C ALA A 64 -17.09 -1.02 11.18
N ILE A 65 -16.03 -0.37 10.73
CA ILE A 65 -14.85 -1.09 10.26
C ILE A 65 -14.15 -1.79 11.43
N ARG A 66 -14.09 -1.10 12.57
CA ARG A 66 -13.55 -1.66 13.81
C ARG A 66 -14.40 -2.79 14.36
N GLU A 67 -15.72 -2.64 14.26
CA GLU A 67 -16.67 -3.66 14.73
C GLU A 67 -16.53 -4.98 13.98
N ALA A 68 -16.01 -4.91 12.76
CA ALA A 68 -15.82 -6.09 11.94
C ALA A 68 -14.37 -6.59 11.99
N LEU A 69 -13.43 -5.75 11.59
CA LEU A 69 -12.03 -6.16 11.47
C LEU A 69 -11.34 -6.35 12.82
N VAL A 70 -11.80 -5.64 13.84
CA VAL A 70 -11.18 -5.72 15.16
C VAL A 70 -11.99 -6.62 16.09
N ASP A 71 -13.28 -6.31 16.23
CA ASP A 71 -14.15 -7.01 17.18
C ASP A 71 -14.45 -8.45 16.78
N GLN A 72 -14.71 -8.67 15.49
CA GLN A 72 -14.91 -10.03 14.96
C GLN A 72 -13.78 -10.41 13.99
N ALA A 73 -12.55 -10.18 14.43
CA ALA A 73 -11.35 -10.35 13.62
C ALA A 73 -11.34 -11.62 12.78
N GLU A 74 -11.55 -12.77 13.43
CA GLU A 74 -11.48 -14.07 12.75
C GLU A 74 -12.49 -14.19 11.61
N ALA A 75 -13.73 -13.75 11.86
CA ALA A 75 -14.77 -13.77 10.83
C ALA A 75 -14.35 -12.98 9.60
N PHE A 76 -13.76 -11.80 9.80
CA PHE A 76 -13.37 -10.92 8.71
C PHE A 76 -11.89 -11.03 8.38
N SER A 77 -11.32 -12.21 8.57
CA SER A 77 -9.91 -12.45 8.24
C SER A 77 -9.75 -13.13 6.87
N GLY A 78 -10.82 -13.16 6.09
CA GLY A 78 -10.80 -13.78 4.77
C GLY A 78 -10.47 -12.80 3.67
N ARG A 79 -9.68 -13.23 2.69
CA ARG A 79 -9.28 -12.38 1.56
C ARG A 79 -10.19 -12.60 0.35
N GLY A 80 -10.68 -11.51 -0.22
CA GLY A 80 -11.44 -11.54 -1.46
C GLY A 80 -10.55 -11.42 -2.69
N LYS A 81 -11.12 -11.71 -3.86
CA LYS A 81 -10.40 -11.62 -5.13
C LYS A 81 -10.52 -10.22 -5.72
N ILE A 82 -9.47 -9.82 -6.46
CA ILE A 82 -9.55 -8.68 -7.36
C ILE A 82 -9.43 -9.24 -8.78
N ALA A 83 -10.43 -8.93 -9.61
CA ALA A 83 -10.59 -9.54 -10.94
C ALA A 83 -9.38 -9.40 -11.87
N VAL A 84 -8.71 -8.25 -11.84
CA VAL A 84 -7.62 -7.95 -12.79
C VAL A 84 -6.29 -8.65 -12.48
N VAL A 85 -6.09 -9.08 -11.24
CA VAL A 85 -4.83 -9.68 -10.84
C VAL A 85 -4.96 -11.15 -10.42
N ASP A 86 -6.18 -11.59 -10.13
CA ASP A 86 -6.42 -12.98 -9.70
C ASP A 86 -5.77 -14.00 -10.64
N PRO A 87 -5.91 -13.84 -11.97
CA PRO A 87 -5.29 -14.78 -12.92
C PRO A 87 -3.80 -15.04 -12.64
N ILE A 88 -3.11 -14.03 -12.14
CA ILE A 88 -1.69 -14.15 -11.78
C ILE A 88 -1.52 -14.91 -10.47
N PHE A 89 -2.22 -14.44 -9.43
CA PHE A 89 -2.03 -14.97 -8.07
C PHE A 89 -2.78 -16.28 -7.83
N GLN A 90 -4.04 -16.35 -8.29
CA GLN A 90 -4.86 -17.55 -8.19
C GLN A 90 -4.86 -18.16 -6.78
N GLY A 91 -5.01 -17.30 -5.78
CA GLY A 91 -5.07 -17.74 -4.39
C GLY A 91 -3.74 -18.16 -3.81
N TYR A 92 -2.67 -18.03 -4.59
CA TYR A 92 -1.30 -18.28 -4.11
C TYR A 92 -0.62 -16.97 -3.71
N GLY A 93 0.38 -17.07 -2.84
CA GLY A 93 1.05 -15.89 -2.30
C GLY A 93 0.36 -15.38 -1.05
N VAL A 94 1.07 -14.58 -0.27
CA VAL A 94 0.62 -14.16 1.06
C VAL A 94 -0.62 -13.25 1.07
N ILE A 95 -0.72 -12.34 0.11
CA ILE A 95 -1.86 -11.40 0.09
C ILE A 95 -3.17 -12.13 -0.17
N PHE A 96 -3.18 -12.97 -1.19
CA PHE A 96 -4.43 -13.55 -1.70
C PHE A 96 -4.68 -14.99 -1.26
N ALA A 97 -3.81 -15.51 -0.40
CA ALA A 97 -4.03 -16.82 0.19
C ALA A 97 -5.22 -16.78 1.18
N ASN A 98 -5.67 -17.96 1.60
CA ASN A 98 -6.74 -18.06 2.59
C ASN A 98 -6.53 -19.27 3.49
N GLY A 99 -7.41 -19.42 4.48
CA GLY A 99 -7.38 -20.54 5.41
C GLY A 99 -5.99 -20.83 5.95
N GLU A 100 -5.62 -22.11 5.94
CA GLU A 100 -4.31 -22.53 6.45
C GLU A 100 -3.14 -21.97 5.66
N ARG A 101 -3.31 -21.86 4.34
CA ARG A 101 -2.27 -21.33 3.46
C ARG A 101 -1.84 -19.91 3.85
N TRP A 102 -2.81 -19.02 4.02
CA TRP A 102 -2.52 -17.64 4.43
C TRP A 102 -1.85 -17.60 5.80
N ARG A 103 -2.46 -18.28 6.78
CA ARG A 103 -1.90 -18.39 8.13
C ARG A 103 -0.45 -18.84 8.13
N ALA A 104 -0.15 -19.85 7.32
CA ALA A 104 1.22 -20.36 7.19
C ALA A 104 2.13 -19.31 6.57
N LEU A 105 1.74 -18.79 5.40
CA LEU A 105 2.56 -17.86 4.62
C LEU A 105 2.85 -16.56 5.36
N ARG A 106 1.81 -16.00 5.99
CA ARG A 106 1.92 -14.76 6.76
C ARG A 106 2.83 -14.92 7.97
N ARG A 107 2.67 -16.03 8.69
CA ARG A 107 3.53 -16.33 9.83
C ARG A 107 4.98 -16.41 9.40
N PHE A 108 5.24 -17.17 8.33
CA PHE A 108 6.57 -17.22 7.75
C PHE A 108 7.08 -15.83 7.39
N SER A 109 6.27 -15.08 6.65
CA SER A 109 6.65 -13.77 6.15
C SER A 109 6.95 -12.76 7.25
N LEU A 110 6.18 -12.82 8.34
CA LEU A 110 6.43 -12.00 9.51
C LEU A 110 7.74 -12.40 10.15
N ALA A 111 7.85 -13.68 10.51
CA ALA A 111 9.02 -14.24 11.20
C ALA A 111 10.33 -14.08 10.42
N THR A 112 10.25 -14.15 9.10
CA THR A 112 11.43 -14.02 8.24
C THR A 112 12.00 -12.60 8.33
N MET A 113 11.15 -11.61 8.10
CA MET A 113 11.58 -10.22 8.07
C MET A 113 11.79 -9.64 9.47
N ARG A 114 11.20 -10.28 10.48
CA ARG A 114 11.40 -9.90 11.88
C ARG A 114 12.85 -10.13 12.35
N ASP A 115 13.65 -10.78 11.49
CA ASP A 115 15.07 -11.02 11.73
C ASP A 115 15.79 -11.49 10.47
N LYS A 120 22.97 -10.52 9.99
CA LYS A 120 23.25 -9.64 8.84
C LYS A 120 22.64 -8.24 9.04
N ARG A 121 22.47 -7.50 7.95
CA ARG A 121 21.95 -6.12 8.02
C ARG A 121 20.46 -6.05 8.34
N SER A 122 20.11 -5.16 9.28
CA SER A 122 18.73 -4.93 9.66
C SER A 122 18.01 -4.15 8.57
N VAL A 123 16.68 -4.27 8.55
CA VAL A 123 15.86 -3.56 7.56
C VAL A 123 16.02 -2.03 7.69
N GLU A 124 16.22 -1.55 8.92
CA GLU A 124 16.49 -0.13 9.18
C GLU A 124 17.75 0.33 8.45
N GLU A 125 18.82 -0.46 8.56
CA GLU A 125 20.11 -0.12 7.97
C GLU A 125 20.08 -0.15 6.45
N ARG A 126 19.29 -1.07 5.90
CA ARG A 126 19.10 -1.19 4.46
C ARG A 126 18.41 0.06 3.92
N ILE A 127 17.38 0.52 4.63
CA ILE A 127 16.65 1.75 4.29
C ILE A 127 17.55 2.98 4.41
N GLN A 128 18.36 3.02 5.46
CA GLN A 128 19.35 4.09 5.66
C GLN A 128 20.36 4.16 4.51
N GLU A 129 20.76 2.98 4.02
CA GLU A 129 21.67 2.87 2.89
C GLU A 129 21.05 3.40 1.60
N GLU A 130 19.77 3.09 1.40
CA GLU A 130 19.03 3.58 0.25
C GLU A 130 18.82 5.10 0.37
N ALA A 131 18.58 5.55 1.60
CA ALA A 131 18.45 6.97 1.88
C ALA A 131 19.74 7.67 1.47
N ARG A 132 20.87 7.20 1.98
CA ARG A 132 22.18 7.77 1.64
C ARG A 132 22.38 7.79 0.13
N CYS A 133 22.02 6.69 -0.53
CA CYS A 133 22.17 6.55 -1.98
C CYS A 133 21.33 7.55 -2.75
N LEU A 134 20.11 7.77 -2.27
CA LEU A 134 19.20 8.74 -2.86
C LEU A 134 19.75 10.17 -2.75
N VAL A 135 20.22 10.54 -1.57
CA VAL A 135 20.76 11.87 -1.33
C VAL A 135 21.93 12.16 -2.27
N GLU A 136 22.80 11.17 -2.45
CA GLU A 136 23.92 11.28 -3.37
C GLU A 136 23.46 11.50 -4.82
N GLU A 137 22.38 10.81 -5.20
CA GLU A 137 21.82 10.93 -6.53
C GLU A 137 21.15 12.28 -6.74
N LEU A 138 20.53 12.79 -5.68
CA LEU A 138 19.84 14.08 -5.75
C LEU A 138 20.83 15.24 -5.82
N ARG A 139 22.00 15.07 -5.21
CA ARG A 139 23.07 16.07 -5.28
C ARG A 139 23.56 16.24 -6.72
N LYS A 140 23.65 15.12 -7.45
CA LYS A 140 24.07 15.12 -8.86
C LYS A 140 23.23 16.08 -9.69
N SER A 141 21.90 15.94 -9.63
CA SER A 141 20.97 16.81 -10.35
C SER A 141 21.25 18.30 -10.12
N LYS A 142 21.94 18.60 -9.02
CA LYS A 142 22.41 19.95 -8.67
C LYS A 142 21.28 20.99 -8.67
N GLY A 143 20.13 20.60 -8.13
CA GLY A 143 19.00 21.51 -7.99
C GLY A 143 18.26 21.84 -9.28
N ALA A 144 18.22 20.89 -10.21
CA ALA A 144 17.42 21.04 -11.42
C ALA A 144 16.00 20.48 -11.20
N LEU A 145 15.07 20.90 -12.05
CA LEU A 145 13.71 20.38 -12.02
C LEU A 145 13.69 18.91 -12.39
N LEU A 146 12.90 18.13 -11.66
CA LEU A 146 12.68 16.73 -11.98
C LEU A 146 11.34 16.23 -11.48
N ASP A 147 10.78 15.24 -12.17
CA ASP A 147 9.66 14.46 -11.66
C ASP A 147 10.28 13.38 -10.80
N ASN A 148 9.84 13.30 -9.54
CA ASN A 148 10.41 12.34 -8.59
C ASN A 148 9.82 10.93 -8.65
N THR A 149 8.84 10.73 -9.52
CA THR A 149 8.14 9.45 -9.67
C THR A 149 9.11 8.28 -9.77
N LEU A 150 10.00 8.34 -10.77
CA LEU A 150 10.95 7.27 -11.03
C LEU A 150 11.82 6.91 -9.82
N LEU A 151 12.50 7.90 -9.25
CA LEU A 151 13.40 7.68 -8.12
C LEU A 151 12.66 7.18 -6.89
N PHE A 152 11.43 7.64 -6.71
CA PHE A 152 10.61 7.22 -5.58
C PHE A 152 10.17 5.75 -5.71
N HIS A 153 9.96 5.31 -6.95
CA HIS A 153 9.71 3.91 -7.25
C HIS A 153 10.96 3.07 -6.96
N SER A 154 12.10 3.58 -7.43
CA SER A 154 13.37 2.86 -7.35
C SER A 154 13.73 2.53 -5.90
N ILE A 155 13.70 3.54 -5.05
CA ILE A 155 14.09 3.40 -3.64
C ILE A 155 13.17 2.42 -2.91
N THR A 156 11.87 2.53 -3.13
CA THR A 156 10.90 1.65 -2.48
C THR A 156 11.08 0.21 -2.92
N SER A 157 11.23 0.02 -4.24
CA SER A 157 11.47 -1.30 -4.81
C SER A 157 12.84 -1.87 -4.40
N ASN A 158 13.83 -0.98 -4.27
CA ASN A 158 15.15 -1.38 -3.82
C ASN A 158 15.19 -1.91 -2.40
N ILE A 159 14.25 -1.47 -1.57
CA ILE A 159 14.12 -2.03 -0.23
C ILE A 159 13.65 -3.48 -0.34
N ILE A 160 12.62 -3.69 -1.14
CA ILE A 160 12.05 -5.02 -1.34
C ILE A 160 13.07 -5.94 -2.02
N CYS A 161 13.74 -5.41 -3.05
CA CYS A 161 14.83 -6.13 -3.73
C CYS A 161 15.92 -6.53 -2.76
N SER A 162 16.11 -5.72 -1.72
CA SER A 162 17.12 -5.99 -0.70
C SER A 162 16.64 -7.12 0.23
N ILE A 163 15.36 -7.10 0.56
CA ILE A 163 14.77 -8.12 1.42
C ILE A 163 14.71 -9.44 0.68
N VAL A 164 14.34 -9.38 -0.60
CA VAL A 164 14.01 -10.56 -1.39
C VAL A 164 15.21 -11.13 -2.14
N PHE A 165 15.91 -10.28 -2.89
CA PHE A 165 17.00 -10.74 -3.74
C PHE A 165 18.36 -10.64 -3.06
N GLY A 166 18.41 -9.93 -1.94
CA GLY A 166 19.64 -9.79 -1.19
C GLY A 166 20.58 -8.78 -1.79
N LYS A 167 20.03 -7.85 -2.59
CA LYS A 167 20.79 -6.68 -3.07
C LYS A 167 19.91 -5.62 -3.73
N ARG A 168 20.53 -4.53 -4.16
CA ARG A 168 19.82 -3.39 -4.72
C ARG A 168 20.38 -3.01 -6.08
N PHE A 169 19.64 -2.20 -6.82
CA PHE A 169 20.02 -1.81 -8.17
C PHE A 169 20.32 -0.31 -8.31
N ASP A 170 21.35 0.00 -9.09
CA ASP A 170 21.72 1.37 -9.43
C ASP A 170 20.56 2.05 -10.14
N TYR A 171 20.37 3.35 -9.87
CA TYR A 171 19.20 4.09 -10.37
C TYR A 171 19.10 4.21 -11.89
N LYS A 172 20.22 4.11 -12.58
CA LYS A 172 20.21 4.20 -14.05
C LYS A 172 20.47 2.85 -14.74
N ASP A 173 20.35 1.76 -13.97
CA ASP A 173 20.39 0.40 -14.49
C ASP A 173 19.21 0.17 -15.44
N PRO A 174 19.50 -0.13 -16.72
CA PRO A 174 18.48 -0.23 -17.77
C PRO A 174 17.49 -1.37 -17.59
N VAL A 175 17.97 -2.55 -17.19
CA VAL A 175 17.11 -3.71 -17.03
C VAL A 175 16.19 -3.49 -15.82
N PHE A 176 16.75 -2.91 -14.77
CA PHE A 176 16.00 -2.51 -13.58
C PHE A 176 14.90 -1.51 -13.97
N LEU A 177 15.28 -0.48 -14.71
CA LEU A 177 14.34 0.56 -15.12
C LEU A 177 13.27 0.01 -16.07
N ARG A 178 13.63 -0.93 -16.94
CA ARG A 178 12.65 -1.51 -17.86
C ARG A 178 11.58 -2.30 -17.12
N LEU A 179 12.01 -3.13 -16.16
CA LEU A 179 11.08 -3.96 -15.40
C LEU A 179 10.30 -3.14 -14.36
N LEU A 180 10.93 -2.07 -13.87
CA LEU A 180 10.26 -1.10 -13.00
C LEU A 180 9.17 -0.38 -13.78
N ASP A 181 9.52 0.09 -14.98
CA ASP A 181 8.59 0.74 -15.89
C ASP A 181 7.29 -0.02 -16.07
N LEU A 182 7.39 -1.29 -16.43
CA LEU A 182 6.22 -2.12 -16.73
C LEU A 182 5.45 -2.55 -15.47
N PHE A 183 6.18 -2.81 -14.38
CA PHE A 183 5.57 -3.19 -13.12
C PHE A 183 4.72 -2.06 -12.57
N PHE A 184 5.18 -0.83 -12.77
CA PHE A 184 4.48 0.33 -12.20
C PHE A 184 3.35 0.88 -13.07
N GLN A 185 3.49 0.75 -14.38
CA GLN A 185 2.42 1.11 -15.30
C GLN A 185 1.24 0.14 -15.14
N SER A 186 1.49 -0.96 -14.43
CA SER A 186 0.46 -1.94 -14.09
C SER A 186 -0.51 -1.38 -13.06
N PHE A 187 0.01 -0.66 -12.07
CA PHE A 187 -0.83 -0.02 -11.04
C PHE A 187 -1.71 1.05 -11.65
N SER A 188 -1.17 1.80 -12.61
CA SER A 188 -1.95 2.76 -13.36
C SER A 188 -3.14 2.09 -14.03
N LEU A 189 -2.89 0.94 -14.66
CA LEU A 189 -3.94 0.18 -15.34
C LEU A 189 -4.92 -0.47 -14.35
N ILE A 190 -4.40 -0.96 -13.23
CA ILE A 190 -5.23 -1.57 -12.19
C ILE A 190 -6.26 -0.57 -11.63
N SER A 191 -5.82 0.67 -11.46
CA SER A 191 -6.67 1.71 -10.88
C SER A 191 -7.52 2.47 -11.91
N SER A 192 -7.47 2.03 -13.17
CA SER A 192 -8.25 2.66 -14.24
C SER A 192 -9.75 2.36 -14.12
N PHE A 193 -10.55 3.22 -14.75
CA PHE A 193 -11.99 3.02 -14.86
C PHE A 193 -12.29 1.68 -15.54
N SER A 194 -11.54 1.39 -16.60
CA SER A 194 -11.72 0.17 -17.39
C SER A 194 -11.58 -1.09 -16.53
N SER A 195 -10.59 -1.10 -15.64
CA SER A 195 -10.35 -2.23 -14.74
C SER A 195 -11.45 -2.37 -13.69
N GLN A 196 -12.06 -1.24 -13.31
CA GLN A 196 -13.19 -1.26 -12.39
C GLN A 196 -14.43 -1.83 -13.07
N VAL A 197 -14.59 -1.53 -14.35
CA VAL A 197 -15.63 -2.15 -15.17
C VAL A 197 -15.36 -3.66 -15.27
N PHE A 198 -14.08 -4.03 -15.35
CA PHE A 198 -13.69 -5.43 -15.42
C PHE A 198 -13.97 -6.18 -14.10
N GLU A 199 -13.96 -5.44 -12.99
CA GLU A 199 -14.24 -6.01 -11.67
C GLU A 199 -15.66 -6.59 -11.61
N LEU A 200 -16.61 -5.86 -12.19
CA LEU A 200 -18.02 -6.26 -12.21
C LEU A 200 -18.31 -7.39 -13.20
N PHE A 201 -17.72 -7.31 -14.40
CA PHE A 201 -18.14 -8.18 -15.51
C PHE A 201 -17.04 -9.05 -16.12
N SER A 202 -16.08 -9.44 -15.28
CA SER A 202 -14.96 -10.30 -15.69
C SER A 202 -15.39 -11.60 -16.34
N GLY A 203 -16.52 -12.15 -15.91
CA GLY A 203 -17.07 -13.39 -16.47
C GLY A 203 -17.27 -13.31 -17.98
N PHE A 204 -17.70 -12.15 -18.45
CA PHE A 204 -17.91 -11.89 -19.88
C PHE A 204 -16.69 -11.22 -20.52
N LEU A 205 -16.12 -10.24 -19.81
CA LEU A 205 -15.06 -9.40 -20.38
C LEU A 205 -13.69 -10.08 -20.52
N LYS A 206 -13.52 -11.24 -19.89
CA LYS A 206 -12.22 -11.93 -19.94
C LYS A 206 -11.85 -12.46 -21.34
N TYR A 207 -12.86 -12.73 -22.16
CA TYR A 207 -12.65 -13.23 -23.52
C TYR A 207 -12.37 -12.11 -24.53
N PHE A 208 -12.30 -10.88 -24.04
CA PHE A 208 -12.10 -9.72 -24.91
C PHE A 208 -10.84 -8.95 -24.52
N PRO A 209 -10.21 -8.26 -25.51
CA PRO A 209 -9.05 -7.42 -25.19
C PRO A 209 -9.39 -6.35 -24.18
N GLY A 210 -8.41 -5.97 -23.37
CA GLY A 210 -8.58 -4.93 -22.37
C GLY A 210 -7.36 -4.78 -21.50
N THR A 211 -7.46 -3.91 -20.49
CA THR A 211 -6.38 -3.64 -19.56
C THR A 211 -5.85 -4.90 -18.87
N HIS A 212 -6.72 -5.87 -18.66
CA HIS A 212 -6.38 -7.08 -17.92
C HIS A 212 -5.31 -7.97 -18.59
N ARG A 213 -5.21 -7.89 -19.90
CA ARG A 213 -4.21 -8.66 -20.64
C ARG A 213 -2.83 -8.02 -20.53
N GLN A 214 -2.79 -6.70 -20.45
CA GLN A 214 -1.55 -5.96 -20.25
C GLN A 214 -1.00 -6.18 -18.85
N ILE A 215 -1.88 -6.05 -17.86
CA ILE A 215 -1.53 -6.33 -16.48
C ILE A 215 -1.04 -7.77 -16.36
N TYR A 216 -1.69 -8.68 -17.10
CA TYR A 216 -1.27 -10.07 -17.14
C TYR A 216 0.18 -10.23 -17.65
N ARG A 217 0.49 -9.61 -18.79
CA ARG A 217 1.83 -9.72 -19.39
C ARG A 217 2.91 -9.10 -18.52
N ASN A 218 2.58 -7.96 -17.92
CA ASN A 218 3.52 -7.22 -17.09
C ASN A 218 3.92 -7.99 -15.83
N LEU A 219 2.93 -8.56 -15.15
CA LEU A 219 3.19 -9.30 -13.93
C LEU A 219 3.86 -10.65 -14.19
N GLN A 220 3.56 -11.25 -15.34
CA GLN A 220 4.19 -12.50 -15.76
C GLN A 220 5.67 -12.31 -16.11
N GLU A 221 5.98 -11.16 -16.72
CA GLU A 221 7.36 -10.78 -17.03
C GLU A 221 8.20 -10.63 -15.77
N ILE A 222 7.56 -10.27 -14.66
CA ILE A 222 8.24 -10.12 -13.39
C ILE A 222 8.31 -11.47 -12.69
N ASN A 223 7.23 -12.22 -12.73
CA ASN A 223 7.22 -13.61 -12.26
C ASN A 223 8.33 -14.42 -12.91
N THR A 224 8.55 -14.19 -14.20
CA THR A 224 9.65 -14.82 -14.93
C THR A 224 11.01 -14.37 -14.35
N PHE A 225 11.15 -13.08 -14.09
CA PHE A 225 12.38 -12.57 -13.47
C PHE A 225 12.60 -13.15 -12.07
N ILE A 226 11.52 -13.29 -11.31
CA ILE A 226 11.59 -13.87 -9.98
C ILE A 226 12.01 -15.32 -10.11
N GLY A 227 11.31 -16.05 -10.98
CA GLY A 227 11.57 -17.48 -11.22
C GLY A 227 13.04 -17.80 -11.43
N GLN A 228 13.70 -17.00 -12.26
CA GLN A 228 15.12 -17.19 -12.53
C GLN A 228 16.02 -16.68 -11.40
N SER A 229 15.53 -15.74 -10.61
CA SER A 229 16.26 -15.29 -9.43
C SER A 229 16.26 -16.40 -8.39
N VAL A 230 15.12 -17.04 -8.21
CA VAL A 230 14.99 -18.21 -7.34
C VAL A 230 16.02 -19.27 -7.72
N GLU A 231 16.23 -19.44 -9.03
CA GLU A 231 17.20 -20.43 -9.54
C GLU A 231 18.65 -20.04 -9.30
N LYS A 232 18.96 -18.74 -9.43
CA LYS A 232 20.29 -18.23 -9.10
C LYS A 232 20.57 -18.43 -7.63
N HIS A 233 19.50 -18.35 -6.83
CA HIS A 233 19.57 -18.56 -5.39
C HIS A 233 19.78 -20.03 -5.05
N ARG A 234 18.97 -20.91 -5.67
CA ARG A 234 19.07 -22.35 -5.49
C ARG A 234 20.48 -22.87 -5.82
N ALA A 235 21.17 -22.13 -6.69
CA ALA A 235 22.48 -22.51 -7.21
C ALA A 235 23.65 -21.85 -6.47
N THR A 236 23.38 -20.75 -5.79
CA THR A 236 24.41 -20.06 -5.02
C THR A 236 24.15 -20.18 -3.52
N LEU A 237 23.23 -21.07 -3.17
CA LEU A 237 22.78 -21.25 -1.80
C LEU A 237 23.85 -21.77 -0.85
N ASP A 238 23.96 -21.12 0.31
CA ASP A 238 24.77 -21.58 1.42
C ASP A 238 23.86 -21.72 2.64
N PRO A 239 23.41 -22.96 2.92
CA PRO A 239 22.49 -23.24 4.02
C PRO A 239 22.88 -22.57 5.35
N SER A 240 24.17 -22.48 5.62
CA SER A 240 24.67 -21.93 6.89
C SER A 240 24.39 -20.43 6.97
N ASN A 241 24.34 -19.77 5.81
CA ASN A 241 24.20 -18.32 5.76
C ASN A 241 23.19 -17.83 4.69
N PRO A 242 21.88 -17.87 5.00
CA PRO A 242 20.84 -17.45 4.07
C PRO A 242 20.82 -15.94 3.91
N ARG A 243 21.00 -15.47 2.68
CA ARG A 243 21.25 -14.05 2.41
C ARG A 243 19.99 -13.17 2.40
N ASP A 244 18.82 -13.79 2.21
CA ASP A 244 17.59 -13.04 1.95
C ASP A 244 16.32 -13.86 2.14
N PHE A 245 15.19 -13.27 1.75
CA PHE A 245 13.88 -13.91 1.83
C PHE A 245 13.81 -15.24 1.09
N ILE A 246 14.34 -15.25 -0.14
CA ILE A 246 14.29 -16.44 -1.01
C ILE A 246 15.10 -17.60 -0.43
N ASP A 247 16.31 -17.32 0.04
CA ASP A 247 17.15 -18.36 0.66
C ASP A 247 16.44 -19.01 1.84
N VAL A 248 15.84 -18.19 2.70
CA VAL A 248 15.11 -18.70 3.88
C VAL A 248 13.93 -19.56 3.45
N TYR A 249 13.24 -19.15 2.38
CA TYR A 249 12.13 -19.92 1.84
C TYR A 249 12.63 -21.26 1.30
N LEU A 250 13.75 -21.23 0.59
CA LEU A 250 14.31 -22.44 -0.03
C LEU A 250 14.72 -23.45 1.03
N LEU A 251 15.32 -22.96 2.11
CA LEU A 251 15.71 -23.81 3.24
C LEU A 251 14.49 -24.38 3.93
N ARG A 252 13.41 -23.61 3.95
CA ARG A 252 12.14 -24.05 4.50
C ARG A 252 11.52 -25.15 3.64
N MET A 253 11.71 -25.06 2.32
CA MET A 253 11.27 -26.11 1.39
C MET A 253 11.98 -27.43 1.68
N GLU A 254 13.28 -27.34 1.95
CA GLU A 254 14.08 -28.51 2.30
C GLU A 254 13.60 -29.15 3.60
N LYS A 255 13.21 -28.32 4.56
CA LYS A 255 12.74 -28.81 5.87
C LYS A 255 11.37 -29.48 5.76
N ASP A 256 10.60 -29.12 4.75
CA ASP A 256 9.23 -29.61 4.58
C ASP A 256 9.09 -30.61 3.42
N LYS A 257 10.21 -31.20 3.00
CA LYS A 257 10.21 -32.25 1.97
C LYS A 257 9.17 -33.33 2.25
N SER A 258 9.28 -33.94 3.43
CA SER A 258 8.45 -35.09 3.82
C SER A 258 6.99 -34.76 4.15
N ASP A 259 6.70 -33.48 4.45
CA ASP A 259 5.33 -33.05 4.74
C ASP A 259 4.54 -32.77 3.47
N PRO A 260 3.52 -33.58 3.19
CA PRO A 260 2.69 -33.42 1.98
C PRO A 260 1.78 -32.19 2.04
N SER A 261 1.46 -31.75 3.27
CA SER A 261 0.53 -30.62 3.48
C SER A 261 1.22 -29.25 3.54
N SER A 262 2.54 -29.22 3.34
CA SER A 262 3.30 -27.97 3.36
C SER A 262 2.96 -27.05 2.19
N GLU A 263 2.81 -25.77 2.51
CA GLU A 263 2.47 -24.76 1.52
C GLU A 263 3.72 -24.18 0.87
N PHE A 264 4.87 -24.55 1.39
CA PHE A 264 6.13 -23.95 0.97
C PHE A 264 6.73 -24.63 -0.25
N HIS A 265 6.16 -24.29 -1.40
CA HIS A 265 6.59 -24.80 -2.69
C HIS A 265 6.74 -23.66 -3.68
N HIS A 266 6.77 -24.01 -4.96
CA HIS A 266 7.12 -23.05 -6.01
C HIS A 266 6.10 -21.93 -6.17
N GLN A 267 4.86 -22.26 -6.50
CA GLN A 267 3.84 -21.22 -6.73
C GLN A 267 3.74 -20.21 -5.61
N ASN A 268 3.72 -20.68 -4.36
CA ASN A 268 3.71 -19.80 -3.20
C ASN A 268 4.99 -18.98 -3.08
N LEU A 269 6.13 -19.58 -3.45
CA LEU A 269 7.40 -18.86 -3.44
C LEU A 269 7.43 -17.71 -4.43
N ILE A 270 7.05 -17.98 -5.67
CA ILE A 270 7.06 -16.98 -6.74
C ILE A 270 6.08 -15.86 -6.43
N LEU A 271 4.86 -16.25 -6.04
CA LEU A 271 3.79 -15.29 -5.88
C LEU A 271 3.82 -14.54 -4.55
N THR A 272 4.53 -15.08 -3.56
CA THR A 272 4.77 -14.33 -2.33
C THR A 272 5.80 -13.23 -2.57
N VAL A 273 6.85 -13.56 -3.32
CA VAL A 273 7.87 -12.58 -3.71
C VAL A 273 7.25 -11.42 -4.49
N LEU A 274 6.45 -11.75 -5.50
CA LEU A 274 5.69 -10.75 -6.24
C LEU A 274 4.77 -9.98 -5.30
N SER A 275 4.05 -10.68 -4.44
CA SER A 275 3.16 -10.06 -3.47
C SER A 275 3.87 -8.97 -2.66
N LEU A 276 5.11 -9.23 -2.24
CA LEU A 276 5.90 -8.25 -1.49
C LEU A 276 6.29 -7.06 -2.36
N PHE A 277 6.47 -7.30 -3.66
CA PHE A 277 6.74 -6.22 -4.61
C PHE A 277 5.45 -5.50 -4.93
N PHE A 278 4.40 -6.27 -5.17
CA PHE A 278 3.10 -5.75 -5.59
C PHE A 278 2.50 -4.82 -4.54
N ALA A 279 2.69 -5.17 -3.27
CA ALA A 279 2.11 -4.44 -2.15
C ALA A 279 3.08 -3.44 -1.55
N GLY A 280 4.33 -3.84 -1.41
CA GLY A 280 5.33 -3.07 -0.66
C GLY A 280 6.15 -2.04 -1.41
N THR A 281 5.74 -1.72 -2.63
CA THR A 281 6.45 -0.71 -3.43
C THR A 281 5.60 0.50 -3.77
N GLU A 282 4.48 0.27 -4.46
CA GLU A 282 3.69 1.36 -5.05
C GLU A 282 3.15 2.38 -4.05
N THR A 283 2.36 1.92 -3.08
CA THR A 283 1.73 2.81 -2.11
C THR A 283 2.77 3.60 -1.31
N THR A 284 3.86 2.93 -0.93
CA THR A 284 4.95 3.61 -0.25
C THR A 284 5.48 4.72 -1.14
N SER A 285 5.78 4.39 -2.39
CA SER A 285 6.32 5.34 -3.36
C SER A 285 5.36 6.48 -3.61
N THR A 286 4.08 6.15 -3.63
CA THR A 286 3.03 7.12 -3.87
C THR A 286 2.83 8.01 -2.65
N THR A 287 2.89 7.42 -1.46
CA THR A 287 2.78 8.19 -0.21
C THR A 287 3.91 9.22 -0.10
N LEU A 288 5.13 8.81 -0.46
CA LEU A 288 6.27 9.72 -0.47
C LEU A 288 6.07 10.83 -1.52
N ARG A 289 5.57 10.46 -2.69
CA ARG A 289 5.31 11.42 -3.75
C ARG A 289 4.22 12.40 -3.36
N TYR A 290 3.15 11.91 -2.75
CA TYR A 290 2.09 12.78 -2.24
C TYR A 290 2.63 13.65 -1.12
N GLY A 291 3.46 13.07 -0.27
CA GLY A 291 4.09 13.78 0.83
C GLY A 291 4.70 15.09 0.38
N PHE A 292 5.59 15.00 -0.60
CA PHE A 292 6.33 16.16 -1.08
C PHE A 292 5.47 17.18 -1.83
N LEU A 293 4.32 16.76 -2.35
CA LEU A 293 3.41 17.72 -2.98
C LEU A 293 2.73 18.58 -1.93
N LEU A 294 2.37 17.95 -0.81
CA LEU A 294 1.80 18.66 0.34
C LEU A 294 2.86 19.54 0.99
N MET A 295 4.09 19.04 1.01
CA MET A 295 5.22 19.79 1.57
C MET A 295 5.58 20.99 0.70
N LEU A 296 5.22 20.93 -0.57
CA LEU A 296 5.37 22.08 -1.46
C LEU A 296 4.22 23.07 -1.28
N LYS A 297 3.01 22.54 -1.09
CA LYS A 297 1.82 23.37 -0.92
C LYS A 297 1.81 24.09 0.43
N TYR A 298 2.56 23.54 1.39
CA TYR A 298 2.64 24.13 2.72
C TYR A 298 4.10 24.22 3.19
N PRO A 299 4.81 25.28 2.77
CA PRO A 299 6.21 25.51 3.16
C PRO A 299 6.42 25.67 4.66
N HIS A 300 5.40 26.14 5.38
CA HIS A 300 5.53 26.36 6.82
C HIS A 300 5.57 25.05 7.59
N VAL A 301 4.80 24.07 7.12
CA VAL A 301 4.87 22.72 7.65
C VAL A 301 6.28 22.20 7.41
N THR A 302 6.74 22.28 6.18
CA THR A 302 8.07 21.81 5.79
C THR A 302 9.15 22.45 6.66
N GLU A 303 9.00 23.75 6.90
CA GLU A 303 9.93 24.50 7.75
C GLU A 303 9.89 24.00 9.19
N ARG A 304 8.86 23.63 9.77
CA ARG A 304 8.86 23.10 11.15
CA ARG A 304 8.80 23.13 11.13
C ARG A 304 9.21 21.63 11.32
N VAL A 305 9.20 20.97 10.17
CA VAL A 305 9.82 19.65 10.03
C VAL A 305 11.35 19.78 10.03
N GLN A 306 11.88 20.62 9.14
CA GLN A 306 13.33 20.82 9.04
C GLN A 306 13.90 21.44 10.30
N LYS A 307 13.09 22.29 10.95
CA LYS A 307 13.44 22.89 12.23
C LYS A 307 13.52 21.81 13.31
N GLU A 308 12.55 20.89 13.29
CA GLU A 308 12.55 19.76 14.22
C GLU A 308 13.66 18.75 13.87
N ILE A 309 13.96 18.60 12.58
CA ILE A 309 15.06 17.74 12.15
C ILE A 309 16.38 18.29 12.69
N GLU A 310 16.59 19.59 12.51
CA GLU A 310 17.79 20.27 12.99
C GLU A 310 17.95 20.09 14.50
N GLN A 311 16.88 20.35 15.24
CA GLN A 311 16.91 20.30 16.70
C GLN A 311 17.25 18.91 17.25
N VAL A 312 16.66 17.87 16.66
CA VAL A 312 16.79 16.52 17.21
C VAL A 312 17.98 15.75 16.64
N ILE A 313 18.06 15.65 15.31
CA ILE A 313 19.07 14.84 14.65
C ILE A 313 20.40 15.60 14.49
N GLY A 314 20.32 16.80 13.92
CA GLY A 314 21.50 17.58 13.58
C GLY A 314 21.57 17.78 12.08
N SER A 315 22.79 17.94 11.56
CA SER A 315 23.00 18.03 10.12
C SER A 315 24.22 17.20 9.73
N HIS A 316 24.61 16.30 10.63
CA HIS A 316 25.82 15.49 10.45
C HIS A 316 25.51 14.00 10.33
N ARG A 317 25.02 13.40 11.41
CA ARG A 317 24.63 11.99 11.38
C ARG A 317 23.32 11.79 10.63
N PRO A 318 23.18 10.64 9.94
CA PRO A 318 21.92 10.38 9.25
C PRO A 318 20.81 10.09 10.26
N PRO A 319 19.55 10.43 9.92
CA PRO A 319 18.42 10.13 10.80
C PRO A 319 18.27 8.62 11.02
N ALA A 320 17.92 8.23 12.24
CA ALA A 320 17.68 6.84 12.57
C ALA A 320 16.26 6.69 13.11
N LEU A 321 15.80 5.45 13.27
CA LEU A 321 14.41 5.19 13.65
C LEU A 321 14.05 5.57 15.09
N ASP A 322 15.04 5.61 15.97
CA ASP A 322 14.78 6.00 17.36
C ASP A 322 14.64 7.53 17.53
N ASP A 323 14.90 8.27 16.46
CA ASP A 323 14.68 9.72 16.46
C ASP A 323 13.19 10.08 16.31
N ARG A 324 12.42 9.16 15.74
CA ARG A 324 10.98 9.38 15.54
C ARG A 324 10.26 9.67 16.85
N ALA A 325 10.57 8.86 17.87
CA ALA A 325 10.01 9.02 19.21
C ALA A 325 10.29 10.41 19.77
N LYS A 326 11.40 11.00 19.37
CA LYS A 326 11.79 12.34 19.79
C LYS A 326 11.33 13.43 18.81
N MET A 327 10.60 13.03 17.76
CA MET A 327 10.14 13.96 16.73
C MET A 327 8.64 13.86 16.49
N PRO A 328 7.83 14.30 17.47
CA PRO A 328 6.37 14.14 17.38
C PRO A 328 5.73 14.95 16.25
N TYR A 329 6.28 16.10 15.91
CA TYR A 329 5.67 16.92 14.86
C TYR A 329 5.85 16.29 13.48
N THR A 330 7.06 15.82 13.20
CA THR A 330 7.34 15.14 11.94
C THR A 330 6.49 13.88 11.81
N ASP A 331 6.41 13.13 12.91
CA ASP A 331 5.54 11.97 13.00
C ASP A 331 4.08 12.34 12.74
N ALA A 332 3.64 13.48 13.27
CA ALA A 332 2.28 13.97 13.04
C ALA A 332 2.05 14.34 11.58
N VAL A 333 3.06 14.95 10.96
CA VAL A 333 3.02 15.27 9.53
C VAL A 333 2.84 13.99 8.70
N ILE A 334 3.66 12.99 8.99
CA ILE A 334 3.61 11.72 8.27
C ILE A 334 2.23 11.08 8.39
N HIS A 335 1.72 11.02 9.61
CA HIS A 335 0.36 10.53 9.86
C HIS A 335 -0.64 11.28 8.99
N GLU A 336 -0.56 12.61 9.00
CA GLU A 336 -1.51 13.45 8.27
C GLU A 336 -1.40 13.26 6.75
N ILE A 337 -0.18 13.08 6.26
CA ILE A 337 0.06 12.80 4.84
C ILE A 337 -0.64 11.49 4.47
N GLN A 338 -0.42 10.46 5.29
CA GLN A 338 -1.02 9.14 5.09
C GLN A 338 -2.54 9.21 5.12
N ARG A 339 -3.07 9.99 6.07
CA ARG A 339 -4.51 10.15 6.24
C ARG A 339 -5.14 10.80 4.99
N LEU A 340 -4.62 11.96 4.62
CA LEU A 340 -5.16 12.74 3.51
C LEU A 340 -4.86 12.13 2.15
N GLY A 341 -3.72 11.43 2.07
CA GLY A 341 -3.32 10.72 0.85
C GLY A 341 -4.35 9.67 0.46
N ASP A 342 -4.71 8.84 1.44
CA ASP A 342 -5.82 7.88 1.30
C ASP A 342 -5.60 6.99 0.08
N LEU A 343 -4.48 6.26 0.10
CA LEU A 343 -3.98 5.57 -1.08
C LEU A 343 -4.74 4.29 -1.40
N ILE A 344 -5.40 3.74 -0.39
CA ILE A 344 -6.27 2.59 -0.61
C ILE A 344 -7.64 2.94 -0.02
N PRO A 345 -8.49 3.62 -0.81
CA PRO A 345 -9.72 4.26 -0.32
C PRO A 345 -10.82 3.30 0.11
N PHE A 346 -11.17 2.32 -0.72
CA PHE A 346 -12.12 1.29 -0.28
C PHE A 346 -11.41 0.01 0.17
N GLY A 347 -10.16 0.17 0.59
CA GLY A 347 -9.37 -0.91 1.15
C GLY A 347 -9.11 -2.03 0.15
N VAL A 348 -8.69 -3.17 0.69
CA VAL A 348 -8.51 -4.38 -0.10
C VAL A 348 -9.55 -5.38 0.40
N PRO A 349 -10.33 -5.97 -0.53
CA PRO A 349 -11.49 -6.81 -0.19
C PRO A 349 -11.19 -7.98 0.73
N HIS A 350 -12.03 -8.10 1.76
CA HIS A 350 -12.05 -9.26 2.63
C HIS A 350 -13.22 -10.15 2.26
N THR A 351 -13.23 -11.36 2.80
CA THR A 351 -14.43 -12.18 2.85
C THR A 351 -14.64 -12.59 4.29
N VAL A 352 -15.88 -12.99 4.62
CA VAL A 352 -16.15 -13.60 5.90
C VAL A 352 -15.80 -15.08 5.80
N THR A 353 -15.10 -15.60 6.80
CA THR A 353 -14.61 -16.97 6.76
C THR A 353 -15.69 -17.98 7.13
N LYS A 354 -16.83 -17.47 7.62
CA LYS A 354 -18.00 -18.30 7.96
C LYS A 354 -19.28 -17.44 7.96
N ASP A 355 -20.43 -18.08 8.15
CA ASP A 355 -21.68 -17.34 8.36
C ASP A 355 -21.49 -16.41 9.55
N THR A 356 -21.77 -15.12 9.35
CA THR A 356 -21.39 -14.10 10.32
C THR A 356 -22.55 -13.17 10.71
N GLN A 357 -22.78 -13.05 12.02
CA GLN A 357 -23.75 -12.11 12.56
C GLN A 357 -23.08 -10.76 12.77
N PHE A 358 -23.62 -9.72 12.13
CA PHE A 358 -23.02 -8.40 12.19
C PHE A 358 -24.06 -7.30 12.14
N ARG A 359 -24.09 -6.48 13.21
CA ARG A 359 -25.00 -5.34 13.34
C ARG A 359 -26.46 -5.65 13.05
N GLY A 360 -26.92 -6.82 13.49
CA GLY A 360 -28.31 -7.24 13.26
C GLY A 360 -28.52 -7.96 11.93
N TYR A 361 -27.52 -7.87 11.06
CA TYR A 361 -27.58 -8.55 9.77
C TYR A 361 -26.74 -9.82 9.81
N VAL A 362 -27.00 -10.72 8.87
CA VAL A 362 -26.27 -11.98 8.78
C VAL A 362 -25.57 -12.08 7.43
N ILE A 363 -24.26 -12.21 7.47
CA ILE A 363 -23.44 -12.29 6.26
C ILE A 363 -23.04 -13.74 5.98
N PRO A 364 -23.53 -14.32 4.89
CA PRO A 364 -23.24 -15.69 4.50
C PRO A 364 -21.75 -15.94 4.27
N LYS A 365 -21.29 -17.12 4.66
CA LYS A 365 -19.90 -17.57 4.46
C LYS A 365 -19.39 -17.20 3.08
N ASN A 366 -18.14 -16.71 3.03
CA ASN A 366 -17.45 -16.37 1.79
C ASN A 366 -17.99 -15.14 1.02
N THR A 367 -18.91 -14.40 1.63
CA THR A 367 -19.36 -13.14 1.04
C THR A 367 -18.24 -12.10 1.12
N GLU A 368 -18.10 -11.32 0.07
CA GLU A 368 -17.04 -10.32 -0.02
C GLU A 368 -17.37 -9.09 0.81
N VAL A 369 -16.37 -8.58 1.53
CA VAL A 369 -16.56 -7.41 2.40
C VAL A 369 -15.57 -6.30 2.04
N PHE A 370 -16.10 -5.08 1.92
CA PHE A 370 -15.31 -3.92 1.55
C PHE A 370 -15.19 -2.92 2.71
N PRO A 371 -14.03 -2.91 3.40
CA PRO A 371 -13.75 -1.88 4.39
C PRO A 371 -13.30 -0.57 3.75
N VAL A 372 -14.21 0.41 3.68
CA VAL A 372 -13.92 1.69 3.02
C VAL A 372 -13.05 2.57 3.92
N LEU A 373 -11.73 2.48 3.73
CA LEU A 373 -10.78 3.16 4.58
C LEU A 373 -10.84 4.69 4.45
N SER A 374 -11.27 5.16 3.29
CA SER A 374 -11.46 6.59 3.05
C SER A 374 -12.52 7.17 3.96
N SER A 375 -13.62 6.44 4.13
CA SER A 375 -14.71 6.85 5.02
C SER A 375 -14.29 6.83 6.49
N ALA A 376 -13.15 6.23 6.76
CA ALA A 376 -12.57 6.18 8.12
C ALA A 376 -11.51 7.24 8.32
N LEU A 377 -10.65 7.40 7.31
CA LEU A 377 -9.57 8.40 7.34
C LEU A 377 -10.12 9.81 7.20
N HIS A 378 -11.34 9.93 6.70
CA HIS A 378 -12.02 11.23 6.58
C HIS A 378 -13.20 11.36 7.55
N ASP A 379 -13.20 10.53 8.60
CA ASP A 379 -14.30 10.51 9.58
C ASP A 379 -14.39 11.81 10.39
N PRO A 380 -15.51 12.54 10.27
CA PRO A 380 -15.63 13.83 10.96
C PRO A 380 -15.70 13.71 12.49
N ARG A 381 -15.83 12.48 13.01
CA ARG A 381 -15.77 12.26 14.46
C ARG A 381 -14.35 12.44 14.99
N TYR A 382 -13.37 12.11 14.16
CA TYR A 382 -11.99 12.03 14.61
C TYR A 382 -11.09 13.16 14.09
N PHE A 383 -11.57 13.86 13.06
CA PHE A 383 -10.79 14.92 12.45
C PHE A 383 -11.68 16.15 12.23
N GLU A 384 -11.25 17.29 12.77
CA GLU A 384 -12.03 18.54 12.70
C GLU A 384 -12.41 18.82 11.26
N THR A 385 -11.38 19.06 10.45
CA THR A 385 -11.58 19.29 9.03
C THR A 385 -10.94 18.14 8.26
N PRO A 386 -11.77 17.17 7.84
CA PRO A 386 -11.29 15.95 7.18
C PRO A 386 -10.65 16.19 5.82
N ASN A 387 -11.06 17.26 5.13
CA ASN A 387 -10.58 17.54 3.78
C ASN A 387 -9.39 18.50 3.74
N THR A 388 -8.99 19.02 4.90
CA THR A 388 -7.89 19.99 4.98
C THR A 388 -6.67 19.38 5.63
N PHE A 389 -5.50 19.69 5.07
CA PHE A 389 -4.24 19.25 5.63
C PHE A 389 -3.99 19.93 6.97
N ASN A 390 -3.78 19.11 8.00
CA ASN A 390 -3.62 19.60 9.36
C ASN A 390 -2.89 18.57 10.20
N PRO A 391 -1.56 18.66 10.28
CA PRO A 391 -0.79 17.76 11.15
C PRO A 391 -1.34 17.76 12.57
N GLY A 392 -1.97 18.86 12.97
CA GLY A 392 -2.58 19.01 14.29
C GLY A 392 -3.58 17.95 14.67
N HIS A 393 -4.16 17.28 13.67
CA HIS A 393 -5.05 16.14 13.90
C HIS A 393 -4.38 15.07 14.78
N PHE A 394 -3.06 15.08 14.81
CA PHE A 394 -2.29 14.09 15.55
C PHE A 394 -1.40 14.74 16.62
N LEU A 395 -1.80 15.94 17.06
CA LEU A 395 -1.06 16.66 18.09
C LEU A 395 -1.96 17.13 19.24
N ASP A 396 -1.50 16.88 20.47
CA ASP A 396 -2.19 17.39 21.64
C ASP A 396 -1.69 18.79 21.97
N ALA A 397 -2.20 19.37 23.06
CA ALA A 397 -1.82 20.73 23.48
C ALA A 397 -0.33 20.85 23.82
N ASN A 398 0.26 19.75 24.28
CA ASN A 398 1.67 19.71 24.66
C ASN A 398 2.63 19.52 23.48
N GLY A 399 2.07 19.45 22.27
CA GLY A 399 2.84 19.15 21.07
C GLY A 399 3.29 17.70 20.99
N ALA A 400 2.58 16.82 21.68
CA ALA A 400 2.89 15.39 21.69
C ALA A 400 2.03 14.65 20.67
N LEU A 401 2.54 13.51 20.21
CA LEU A 401 1.82 12.69 19.24
C LEU A 401 0.59 12.09 19.90
N LYS A 402 -0.51 12.05 19.15
CA LYS A 402 -1.81 11.70 19.71
C LYS A 402 -2.51 10.66 18.85
N ARG A 403 -2.57 9.43 19.33
CA ARG A 403 -3.31 8.36 18.65
C ARG A 403 -4.72 8.81 18.32
N ASN A 404 -5.18 8.43 17.14
CA ASN A 404 -6.49 8.78 16.65
C ASN A 404 -7.15 7.52 16.08
N GLU A 405 -8.26 7.10 16.69
CA GLU A 405 -8.94 5.87 16.31
C GLU A 405 -9.36 5.83 14.82
N GLY A 406 -9.55 7.00 14.21
CA GLY A 406 -9.91 7.09 12.81
C GLY A 406 -8.77 6.78 11.84
N PHE A 407 -7.54 6.78 12.35
CA PHE A 407 -6.34 6.54 11.54
C PHE A 407 -6.10 5.07 11.22
N MET A 408 -6.55 4.64 10.04
CA MET A 408 -6.34 3.26 9.61
C MET A 408 -5.94 3.13 8.12
N PRO A 409 -4.77 3.68 7.75
CA PRO A 409 -4.37 3.56 6.35
C PRO A 409 -3.89 2.15 6.04
N PHE A 410 -3.42 1.42 7.06
CA PHE A 410 -2.92 0.06 6.90
C PHE A 410 -4.00 -0.97 7.17
N SER A 411 -5.24 -0.49 7.26
CA SER A 411 -6.39 -1.28 7.68
C SER A 411 -6.22 -1.83 9.12
N LEU A 412 -7.00 -2.84 9.48
CA LEU A 412 -7.05 -3.33 10.85
C LEU A 412 -7.26 -4.84 10.96
N GLY A 413 -6.78 -5.43 12.05
CA GLY A 413 -7.07 -6.82 12.38
C GLY A 413 -6.04 -7.85 11.97
N LYS A 414 -6.54 -9.03 11.61
CA LYS A 414 -5.70 -10.16 11.21
C LYS A 414 -5.05 -9.94 9.86
N ARG A 415 -5.71 -9.15 9.02
CA ARG A 415 -5.22 -8.86 7.68
C ARG A 415 -4.51 -7.50 7.57
N ILE A 416 -4.24 -6.87 8.71
CA ILE A 416 -3.53 -5.58 8.73
C ILE A 416 -2.28 -5.68 7.85
N CYS A 417 -1.95 -4.57 7.18
CA CYS A 417 -0.77 -4.54 6.31
C CYS A 417 0.38 -5.25 6.98
N LEU A 418 0.79 -6.37 6.39
CA LEU A 418 1.89 -7.18 6.93
C LEU A 418 3.19 -6.38 7.08
N GLY A 419 3.37 -5.35 6.26
CA GLY A 419 4.60 -4.58 6.27
C GLY A 419 4.48 -3.18 6.80
N GLU A 420 3.62 -2.98 7.80
CA GLU A 420 3.40 -1.66 8.42
C GLU A 420 4.71 -1.03 8.93
N GLY A 421 5.42 -1.76 9.78
CA GLY A 421 6.69 -1.31 10.30
C GLY A 421 7.62 -0.80 9.21
N ILE A 422 7.87 -1.65 8.22
CA ILE A 422 8.75 -1.32 7.09
C ILE A 422 8.31 -0.05 6.38
N ALA A 423 7.02 0.06 6.10
CA ALA A 423 6.47 1.24 5.44
C ALA A 423 6.78 2.51 6.21
N ARG A 424 6.43 2.52 7.50
CA ARG A 424 6.61 3.69 8.35
C ARG A 424 8.08 3.95 8.64
N THR A 425 8.90 2.91 8.55
CA THR A 425 10.35 3.08 8.67
C THR A 425 10.87 3.73 7.40
N GLU A 426 10.38 3.27 6.24
CA GLU A 426 10.72 3.89 4.96
C GLU A 426 10.24 5.35 4.97
N LEU A 427 8.96 5.55 5.25
CA LEU A 427 8.39 6.90 5.23
C LEU A 427 9.23 7.85 6.08
N PHE A 428 9.38 7.55 7.36
CA PHE A 428 10.16 8.40 8.27
C PHE A 428 11.55 8.71 7.73
N LEU A 429 12.35 7.66 7.52
CA LEU A 429 13.76 7.81 7.13
C LEU A 429 13.94 8.54 5.82
N PHE A 430 13.11 8.23 4.83
CA PHE A 430 13.18 8.93 3.55
C PHE A 430 12.84 10.40 3.71
N PHE A 431 11.68 10.70 4.31
CA PHE A 431 11.27 12.09 4.55
C PHE A 431 12.34 12.88 5.28
N THR A 432 12.77 12.39 6.44
CA THR A 432 13.73 13.14 7.25
C THR A 432 15.12 13.29 6.60
N THR A 433 15.65 12.22 6.02
CA THR A 433 16.97 12.27 5.40
C THR A 433 17.00 13.16 4.15
N ILE A 434 15.91 13.19 3.38
CA ILE A 434 15.83 14.09 2.24
C ILE A 434 15.82 15.55 2.73
N LEU A 435 14.90 15.85 3.64
CA LEU A 435 14.71 17.22 4.14
C LEU A 435 15.85 17.72 5.03
N GLN A 436 16.68 16.81 5.52
CA GLN A 436 17.90 17.17 6.23
C GLN A 436 18.89 17.82 5.27
N ASN A 437 19.00 17.25 4.07
CA ASN A 437 20.00 17.65 3.09
C ASN A 437 19.46 18.58 2.00
N PHE A 438 18.14 18.76 1.96
CA PHE A 438 17.53 19.48 0.85
C PHE A 438 16.34 20.34 1.25
N SER A 439 16.30 21.56 0.71
CA SER A 439 15.12 22.41 0.80
C SER A 439 14.40 22.34 -0.53
N ILE A 440 13.08 22.46 -0.49
CA ILE A 440 12.29 22.18 -1.69
C ILE A 440 11.67 23.42 -2.33
N ALA A 441 11.50 23.36 -3.65
CA ALA A 441 10.91 24.43 -4.43
C ALA A 441 10.30 23.86 -5.71
N SER A 442 9.31 24.56 -6.25
CA SER A 442 8.60 24.13 -7.45
C SER A 442 8.14 25.36 -8.23
N PRO A 443 8.16 25.30 -9.57
CA PRO A 443 7.73 26.43 -10.41
C PRO A 443 6.26 26.79 -10.22
N VAL A 444 5.49 25.86 -9.66
CA VAL A 444 4.09 26.11 -9.32
C VAL A 444 4.01 26.75 -7.92
N PRO A 445 3.33 27.91 -7.83
CA PRO A 445 3.08 28.56 -6.55
C PRO A 445 2.27 27.66 -5.63
N PRO A 446 2.59 27.65 -4.32
CA PRO A 446 1.87 26.84 -3.35
C PRO A 446 0.34 26.89 -3.52
N GLU A 447 -0.23 28.08 -3.54
CA GLU A 447 -1.69 28.25 -3.61
C GLU A 447 -2.30 27.77 -4.93
N ASP A 448 -1.46 27.52 -5.93
CA ASP A 448 -1.90 27.03 -7.23
C ASP A 448 -1.73 25.51 -7.37
N ILE A 449 -1.19 24.87 -6.34
CA ILE A 449 -0.96 23.42 -6.35
C ILE A 449 -2.27 22.64 -6.21
N ASP A 450 -2.52 21.73 -7.16
CA ASP A 450 -3.70 20.90 -7.14
C ASP A 450 -3.36 19.53 -6.53
N LEU A 451 -4.28 19.01 -5.72
CA LEU A 451 -4.07 17.76 -4.99
C LEU A 451 -4.93 16.60 -5.51
N THR A 452 -5.88 16.93 -6.40
CA THR A 452 -6.78 15.95 -7.01
C THR A 452 -5.99 14.84 -7.70
N PRO A 453 -6.18 13.58 -7.27
CA PRO A 453 -5.46 12.43 -7.82
C PRO A 453 -5.70 12.26 -9.32
N ARG A 454 -4.67 11.84 -10.04
CA ARG A 454 -4.75 11.57 -11.47
C ARG A 454 -5.70 10.40 -11.77
N GLU A 455 -5.59 9.35 -10.96
CA GLU A 455 -6.52 8.22 -11.00
C GLU A 455 -7.02 7.87 -9.61
N SER A 456 -8.26 7.40 -9.54
CA SER A 456 -8.83 6.93 -8.30
C SER A 456 -9.47 5.57 -8.51
N GLY A 457 -9.03 4.59 -7.72
CA GLY A 457 -9.59 3.24 -7.74
C GLY A 457 -9.29 2.50 -6.46
N VAL A 458 -8.89 1.24 -6.59
CA VAL A 458 -8.37 0.45 -5.47
C VAL A 458 -7.03 1.05 -5.00
N GLY A 459 -6.41 1.84 -5.88
CA GLY A 459 -5.29 2.70 -5.53
C GLY A 459 -5.51 4.13 -6.03
N ASN A 460 -5.10 5.11 -5.21
CA ASN A 460 -5.05 6.51 -5.63
C ASN A 460 -3.67 6.87 -6.17
N VAL A 461 -3.65 7.57 -7.30
CA VAL A 461 -2.41 7.98 -7.94
C VAL A 461 -2.35 9.51 -8.01
N PRO A 462 -1.43 10.12 -7.23
CA PRO A 462 -1.31 11.57 -7.17
C PRO A 462 -0.77 12.12 -8.49
N PRO A 463 -1.20 13.33 -8.89
CA PRO A 463 -0.75 13.91 -10.15
C PRO A 463 0.78 14.05 -10.21
N SER A 464 1.34 13.98 -11.42
CA SER A 464 2.77 14.14 -11.62
C SER A 464 3.16 15.62 -11.53
N TYR A 465 4.30 15.91 -10.92
CA TYR A 465 4.73 17.28 -10.71
C TYR A 465 6.25 17.40 -10.71
N GLN A 466 6.74 18.61 -10.93
CA GLN A 466 8.17 18.92 -10.96
C GLN A 466 8.61 19.52 -9.63
N ILE A 467 9.80 19.15 -9.19
CA ILE A 467 10.32 19.58 -7.89
C ILE A 467 11.83 19.80 -7.91
N ARG A 468 12.28 20.78 -7.15
CA ARG A 468 13.71 21.03 -6.97
C ARG A 468 14.18 20.53 -5.61
N PHE A 469 15.34 19.87 -5.61
CA PHE A 469 16.02 19.48 -4.38
C PHE A 469 17.32 20.28 -4.25
N LEU A 470 17.28 21.29 -3.40
CA LEU A 470 18.37 22.25 -3.28
C LEU A 470 19.19 21.97 -2.04
N ALA A 471 20.46 21.62 -2.25
CA ALA A 471 21.37 21.24 -1.17
C ALA A 471 21.49 22.36 -0.13
N ARG A 472 21.57 21.95 1.14
CA ARG A 472 21.62 22.88 2.26
C ARG A 472 23.01 22.92 2.90
N HIS A 473 23.68 24.06 2.74
CA HIS A 473 25.05 24.22 3.23
C HIS A 473 25.10 25.01 4.53
CHA HEM B . -1.91 -5.34 2.97
CHB HEM B . -1.57 -0.52 3.09
CHC HEM B . 3.21 -0.86 2.37
CHD HEM B . 2.93 -5.68 2.59
C1A HEM B . -2.24 -4.01 3.03
C2A HEM B . -3.58 -3.48 3.10
C3A HEM B . -3.50 -2.14 3.13
C4A HEM B . -2.09 -1.79 3.08
CMA HEM B . -4.69 -1.16 3.22
CAA HEM B . -4.88 -4.32 3.14
CBA HEM B . -5.08 -4.94 4.51
CGA HEM B . -6.48 -5.47 4.55
O1A HEM B . -6.74 -6.60 4.06
O2A HEM B . -7.36 -4.76 5.08
C1B HEM B . -0.25 -0.19 2.96
C2B HEM B . 0.31 1.15 3.09
C3B HEM B . 1.64 1.05 2.89
C4B HEM B . 1.95 -0.34 2.63
CMB HEM B . -0.51 2.41 3.42
CAB HEM B . 2.69 2.19 2.94
CBB HEM B . 2.51 3.39 2.36
C1C HEM B . 3.57 -2.18 2.49
C2C HEM B . 4.92 -2.70 2.67
C3C HEM B . 4.83 -4.03 2.73
C4C HEM B . 3.44 -4.40 2.58
CMC HEM B . 6.21 -1.85 2.79
CAC HEM B . 5.99 -5.03 2.92
CBC HEM B . 7.03 -5.04 2.07
C1D HEM B . 1.62 -6.06 2.67
C2D HEM B . 1.14 -7.42 2.67
C3D HEM B . -0.38 -7.31 2.79
C4D HEM B . -0.67 -5.89 2.86
CMD HEM B . 1.99 -8.70 2.55
CAD HEM B . -1.41 -8.46 2.82
CBD HEM B . -1.42 -9.05 4.22
CGD HEM B . -2.51 -10.07 4.38
O1D HEM B . -2.48 -10.81 5.39
O2D HEM B . -3.42 -10.15 3.52
NA HEM B . -1.36 -2.96 3.01
NB HEM B . 0.77 -1.06 2.67
NC HEM B . 2.69 -3.25 2.43
ND HEM B . 0.53 -5.19 2.79
FE HEM B . 0.62 -3.11 2.75
OAA 0BV C . 0.39 -0.58 -1.57
CAB 0BV C . -0.30 0.15 -2.25
CAL 0BV C . -1.12 -0.33 -3.41
CAM 0BV C . -1.84 -1.64 -3.23
CAO 0BV C . -2.76 -2.06 -4.20
CAH 0BV C . -3.04 -1.27 -5.31
CAD 0BV C . -3.96 -1.67 -6.26
CAF 0BV C . -4.62 -2.89 -6.11
CAJ 0BV C . -4.35 -3.69 -5.02
CAQ 0BV C . -3.42 -3.28 -4.05
CAP 0BV C . -3.16 -4.09 -2.94
CAI 0BV C . -3.80 -5.32 -2.78
CAE 0BV C . -3.52 -6.11 -1.67
CAC 0BV C . -2.59 -5.68 -0.72
CAG 0BV C . -1.95 -4.47 -0.88
CAN 0BV C . -2.23 -3.67 -1.99
CAK 0BV C . -1.58 -2.46 -2.14
C TAM D . -11.07 12.49 -1.71
C1 TAM D . -11.81 13.16 -0.54
C2 TAM D . -10.75 11.04 -1.28
C3 TAM D . -11.95 12.51 -2.99
C4 TAM D . -12.07 14.66 -0.79
C5 TAM D . -9.64 10.40 -2.15
C6 TAM D . -12.95 11.34 -3.08
N TAM D . -9.80 13.21 -1.97
O4 TAM D . -11.41 15.42 0.22
O5 TAM D . -9.50 9.01 -1.75
O6 TAM D . -14.02 11.54 -2.14
C7 CM5 E . 12.00 -4.14 -9.69
C8 CM5 E . 10.60 -3.53 -9.85
C9 CM5 E . 9.50 -4.59 -9.84
C10 CM5 E . 9.96 -5.93 -9.27
C11 CM5 E . 11.18 -6.51 -9.98
C6 CM5 E . 12.16 -5.44 -10.48
C5 CM5 E . 13.58 -5.95 -10.30
C4 CM5 E . 14.16 -6.40 -11.64
C3 CM5 E . 15.35 -5.54 -12.05
C2 CM5 E . 16.12 -6.14 -13.23
C1 CM5 E . 17.39 -6.78 -12.71
O12 CM5 E . 18.28 -7.17 -13.77
C13 CM5 E . 19.52 -7.58 -13.21
C18 CM5 E . 19.71 -9.10 -13.38
O22 CM5 E . 19.52 -9.72 -12.11
C17 CM5 E . 21.09 -9.54 -13.92
O21 CM5 E . 20.98 -9.80 -15.33
O14 CM5 E . 20.60 -6.83 -13.76
C15 CM5 E . 21.83 -7.19 -13.14
C19 CM5 E . 22.87 -6.10 -13.38
O20 CM5 E . 23.25 -5.48 -12.14
C16 CM5 E . 22.27 -8.56 -13.68
O23 CM5 E . 23.22 -9.19 -12.83
C24 CM5 E . 24.48 -9.38 -13.49
O25 CM5 E . 25.58 -9.06 -12.64
C26 CM5 E . 26.86 -9.01 -13.32
C30 CM5 E . 27.33 -7.56 -13.44
O31 CM5 E . 27.35 -6.92 -12.15
C27 CM5 E . 26.85 -9.69 -14.71
O32 CM5 E . 28.18 -10.09 -15.02
C28 CM5 E . 25.90 -10.88 -14.87
O33 CM5 E . 25.49 -10.98 -16.24
C29 CM5 E . 24.64 -10.81 -14.02
O34 CM5 E . 24.73 -11.75 -12.93
C TAM F . -14.51 0.33 20.63
C1 TAM F . -15.99 0.44 21.06
C2 TAM F . -14.07 1.70 20.04
C3 TAM F . -13.63 -0.07 21.85
C4 TAM F . -16.31 1.67 21.95
C5 TAM F . -12.85 1.59 19.10
C6 TAM F . -12.81 1.07 22.46
N TAM F . -14.40 -0.71 19.60
O4 TAM F . -17.64 2.14 21.71
O5 TAM F . -12.24 2.87 18.99
O6 TAM F . -13.53 1.68 23.54
#